data_5B4B
#
_entry.id   5B4B
#
_cell.length_a   143.534
_cell.length_b   42.484
_cell.length_c   100.756
_cell.angle_alpha   90.00
_cell.angle_beta   125.12
_cell.angle_gamma   90.00
#
_symmetry.space_group_name_H-M   'C 1 2 1'
#
loop_
_entity.id
_entity.type
_entity.pdbx_description
1 polymer 'UDP-2,3-diacylglucosamine hydrolase'
2 non-polymer '(R)-((2R,3S,4R,5R,6R)-3-HYDROXY-2-(HYDROXYMETHYL)-5-((R)-3-HYDROXYTETRADECANAMIDO)-6-(PHOSPHONOOXY)TETRAHYDRO-2H-PYRAN-4-YL) 3-HYDROXYTETRADECANOATE'
3 non-polymer GLYCEROL
4 water water
#
_entity_poly.entity_id   1
_entity_poly.type   'polypeptide(L)'
_entity_poly.pdbx_seq_one_letter_code
;MSVLFISDLHLEAERPDITRAFLSFLDERARRAEALYILGDFFEAWIGDDGMDAFQRSIAQSLRQVADGGTRIYLMHGNR
DFLIGKAFCREAGCTLLPDPSVIDLYGEPVLLMHGDSLCTRDEAYMRLRRWLRNPLTLWVLRHLPLATRHKLARKLRKES
RAQTRMKAVDIIDVTPEEVPRVMRGHGVRTLIHGHTHRPAEHPLDIDGQPARRIVLGDWDRQGWALEIDANGHRQAPFPL
LEHHHHHH
;
_entity_poly.pdbx_strand_id   A,B
#
# COMPACT_ATOMS: atom_id res chain seq x y z
N SER A 2 1.01 -12.37 21.54
CA SER A 2 0.13 -11.21 21.32
C SER A 2 0.94 -9.99 20.86
N VAL A 3 0.24 -8.97 20.36
CA VAL A 3 0.81 -7.72 19.86
C VAL A 3 0.07 -6.59 20.56
N LEU A 4 0.80 -5.53 20.91
CA LEU A 4 0.27 -4.38 21.61
C LEU A 4 0.35 -3.16 20.72
N PHE A 5 -0.67 -2.30 20.83
CA PHE A 5 -0.73 -1.01 20.14
C PHE A 5 -0.99 0.12 21.13
N ILE A 6 -0.16 1.19 21.06
CA ILE A 6 -0.33 2.37 21.88
C ILE A 6 -0.03 3.59 21.01
N SER A 7 -0.54 4.74 21.43
CA SER A 7 -0.24 6.00 20.75
C SER A 7 -0.61 7.16 21.68
N ASP A 8 -0.19 8.37 21.28
CA ASP A 8 -0.67 9.57 21.95
C ASP A 8 -0.36 9.56 23.44
N LEU A 9 0.88 9.15 23.77
CA LEU A 9 1.37 9.26 25.15
C LEU A 9 1.82 10.66 25.49
N HIS A 10 2.40 11.37 24.51
N HIS A 10 2.39 11.39 24.52
CA HIS A 10 2.94 12.71 24.72
CA HIS A 10 2.93 12.74 24.76
C HIS A 10 3.96 12.73 25.87
C HIS A 10 3.96 12.72 25.91
N LEU A 11 4.86 11.74 25.88
CA LEU A 11 5.85 11.65 26.96
C LEU A 11 6.66 12.93 27.06
N GLU A 12 6.85 13.39 28.30
CA GLU A 12 7.70 14.54 28.60
C GLU A 12 8.07 14.49 30.09
N ALA A 13 9.18 15.14 30.42
CA ALA A 13 9.61 15.20 31.81
C ALA A 13 8.56 15.78 32.75
N GLU A 14 7.75 16.74 32.28
CA GLU A 14 6.76 17.37 33.15
C GLU A 14 5.54 16.50 33.42
N ARG A 15 5.45 15.30 32.85
CA ARG A 15 4.36 14.36 33.11
C ARG A 15 4.94 13.03 33.59
N PRO A 16 5.53 13.02 34.80
CA PRO A 16 6.06 11.75 35.34
C PRO A 16 4.98 10.74 35.65
N ASP A 17 3.72 11.16 35.78
CA ASP A 17 2.64 10.19 35.94
C ASP A 17 2.50 9.34 34.69
N ILE A 18 2.61 9.95 33.51
CA ILE A 18 2.54 9.20 32.27
C ILE A 18 3.76 8.32 32.12
N THR A 19 4.95 8.87 32.39
CA THR A 19 6.18 8.09 32.26
C THR A 19 6.12 6.85 33.14
N ARG A 20 5.74 7.02 34.41
CA ARG A 20 5.68 5.86 35.31
C ARG A 20 4.71 4.80 34.78
N ALA A 21 3.56 5.22 34.27
CA ALA A 21 2.60 4.26 33.76
C ALA A 21 3.14 3.55 32.54
N PHE A 22 3.84 4.31 31.68
CA PHE A 22 4.44 3.72 30.49
C PHE A 22 5.49 2.68 30.86
N LEU A 23 6.37 2.99 31.81
CA LEU A 23 7.40 2.03 32.17
C LEU A 23 6.79 0.79 32.82
N SER A 24 5.77 0.96 33.66
CA SER A 24 5.06 -0.17 34.22
C SER A 24 4.42 -1.01 33.12
N PHE A 25 3.90 -0.35 32.10
CA PHE A 25 3.36 -1.03 30.94
C PHE A 25 4.42 -1.84 30.20
N LEU A 26 5.61 -1.27 30.01
CA LEU A 26 6.69 -2.05 29.42
C LEU A 26 7.02 -3.28 30.26
N ASP A 27 7.04 -3.13 31.59
CA ASP A 27 7.48 -4.20 32.49
C ASP A 27 6.45 -5.32 32.58
N GLU A 28 5.18 -4.95 32.60
CA GLU A 28 4.13 -5.92 32.84
C GLU A 28 3.56 -6.50 31.57
N ARG A 29 3.67 -5.78 30.46
CA ARG A 29 2.99 -6.22 29.25
C ARG A 29 3.90 -6.26 28.02
N ALA A 30 4.64 -5.19 27.73
CA ALA A 30 5.34 -5.20 26.45
C ALA A 30 6.45 -6.24 26.43
N ARG A 31 7.11 -6.47 27.56
CA ARG A 31 8.18 -7.45 27.60
C ARG A 31 7.71 -8.85 27.22
N ARG A 32 6.45 -9.19 27.50
CA ARG A 32 5.99 -10.54 27.20
C ARG A 32 5.23 -10.60 25.88
N ALA A 33 5.08 -9.48 25.20
CA ALA A 33 4.42 -9.46 23.90
C ALA A 33 5.41 -9.79 22.78
N GLU A 34 4.88 -10.29 21.66
CA GLU A 34 5.70 -10.50 20.47
C GLU A 34 6.17 -9.18 19.88
N ALA A 35 5.29 -8.18 19.89
CA ALA A 35 5.58 -6.91 19.25
C ALA A 35 4.78 -5.81 19.92
N LEU A 36 5.33 -4.60 19.80
CA LEU A 36 4.70 -3.38 20.30
C LEU A 36 4.73 -2.39 19.15
N TYR A 37 3.58 -1.84 18.82
CA TYR A 37 3.44 -0.81 17.79
C TYR A 37 3.09 0.51 18.46
N ILE A 38 3.80 1.57 18.08
CA ILE A 38 3.62 2.90 18.68
C ILE A 38 3.16 3.81 17.54
N LEU A 39 1.87 4.13 17.49
CA LEU A 39 1.29 4.79 16.32
C LEU A 39 1.23 6.32 16.44
N GLY A 40 2.36 6.93 16.74
CA GLY A 40 2.48 8.37 16.68
C GLY A 40 2.25 9.06 18.01
N ASP A 41 2.84 10.26 18.13
CA ASP A 41 2.68 11.12 19.31
C ASP A 41 3.13 10.37 20.58
N PHE A 42 4.22 9.61 20.42
CA PHE A 42 4.90 8.97 21.53
C PHE A 42 5.47 10.01 22.47
N PHE A 43 6.12 11.01 21.91
CA PHE A 43 6.67 12.14 22.67
C PHE A 43 5.79 13.36 22.52
N GLU A 44 5.88 14.27 23.50
CA GLU A 44 5.14 15.54 23.44
C GLU A 44 5.57 16.37 22.24
N ALA A 45 6.85 16.29 21.88
CA ALA A 45 7.38 16.99 20.73
C ALA A 45 8.70 16.32 20.36
N TRP A 46 9.11 16.48 19.09
CA TRP A 46 10.42 16.04 18.61
C TRP A 46 10.98 17.12 17.69
N ILE A 47 12.18 17.62 17.99
CA ILE A 47 12.77 18.66 17.15
C ILE A 47 13.84 18.10 16.21
N GLY A 48 14.01 16.79 16.17
CA GLY A 48 15.01 16.12 15.36
C GLY A 48 15.94 15.27 16.22
N ASP A 49 16.51 14.22 15.64
CA ASP A 49 17.28 13.27 16.44
C ASP A 49 18.49 13.92 17.08
N ASP A 50 19.05 14.95 16.44
CA ASP A 50 20.22 15.63 16.96
C ASP A 50 19.89 16.57 18.10
N GLY A 51 18.61 16.75 18.40
CA GLY A 51 18.14 17.55 19.50
C GLY A 51 17.61 16.74 20.66
N MET A 52 17.75 15.41 20.62
CA MET A 52 17.26 14.54 21.69
C MET A 52 17.81 14.99 23.02
N ASP A 53 16.91 15.08 24.02
CA ASP A 53 17.33 15.50 25.35
C ASP A 53 17.51 14.27 26.26
N ALA A 54 17.91 14.52 27.50
CA ALA A 54 18.23 13.42 28.42
C ALA A 54 17.02 12.57 28.76
N PHE A 55 15.85 13.20 28.85
CA PHE A 55 14.62 12.46 29.12
C PHE A 55 14.32 11.51 27.96
N GLN A 56 14.41 12.05 26.75
CA GLN A 56 14.07 11.27 25.57
C GLN A 56 15.07 10.12 25.41
N ARG A 57 16.34 10.37 25.71
CA ARG A 57 17.36 9.32 25.65
C ARG A 57 17.05 8.22 26.65
N SER A 58 16.58 8.59 27.84
CA SER A 58 16.26 7.57 28.85
C SER A 58 15.07 6.74 28.42
N ILE A 59 14.08 7.37 27.79
CA ILE A 59 12.97 6.60 27.22
C ILE A 59 13.47 5.64 26.16
N ALA A 60 14.37 6.10 25.28
CA ALA A 60 14.93 5.22 24.28
C ALA A 60 15.64 4.02 24.91
N GLN A 61 16.38 4.26 25.99
CA GLN A 61 17.08 3.15 26.66
C GLN A 61 16.07 2.14 27.22
N SER A 62 14.96 2.62 27.79
CA SER A 62 13.95 1.71 28.30
C SER A 62 13.31 0.88 27.21
N LEU A 63 13.05 1.50 26.03
CA LEU A 63 12.55 0.74 24.88
C LEU A 63 13.56 -0.29 24.45
N ARG A 64 14.84 0.11 24.40
CA ARG A 64 15.86 -0.76 23.89
C ARG A 64 16.02 -2.00 24.76
N GLN A 65 15.83 -1.88 26.07
CA GLN A 65 15.90 -3.03 26.95
C GLN A 65 14.81 -4.05 26.60
N VAL A 66 13.63 -3.56 26.23
CA VAL A 66 12.54 -4.44 25.84
C VAL A 66 12.81 -5.08 24.49
N ALA A 67 13.30 -4.28 23.54
CA ALA A 67 13.65 -4.81 22.22
C ALA A 67 14.74 -5.87 22.33
N ASP A 68 15.78 -5.59 23.10
CA ASP A 68 16.85 -6.55 23.27
C ASP A 68 16.41 -7.81 23.99
N GLY A 69 15.28 -7.78 24.70
CA GLY A 69 14.76 -8.99 25.31
C GLY A 69 13.91 -9.85 24.40
N GLY A 70 13.67 -9.41 23.17
CA GLY A 70 13.02 -10.24 22.18
C GLY A 70 11.73 -9.69 21.60
N THR A 71 11.19 -8.61 22.15
CA THR A 71 9.98 -8.00 21.61
C THR A 71 10.32 -7.09 20.45
N ARG A 72 9.63 -7.24 19.33
CA ARG A 72 9.84 -6.33 18.21
C ARG A 72 9.07 -5.04 18.43
N ILE A 73 9.72 -3.90 18.22
CA ILE A 73 9.09 -2.62 18.46
C ILE A 73 9.07 -1.83 17.15
N TYR A 74 7.92 -1.26 16.85
CA TYR A 74 7.68 -0.47 15.65
C TYR A 74 7.16 0.90 16.06
N LEU A 75 7.71 1.94 15.46
CA LEU A 75 7.28 3.29 15.73
C LEU A 75 6.86 3.98 14.45
N MET A 76 5.71 4.64 14.52
CA MET A 76 5.18 5.44 13.42
C MET A 76 5.14 6.91 13.86
N HIS A 77 5.36 7.81 12.91
CA HIS A 77 5.24 9.24 13.14
C HIS A 77 3.84 9.65 13.52
N GLY A 78 3.76 10.68 14.36
CA GLY A 78 2.53 11.44 14.55
C GLY A 78 2.75 12.92 14.27
N ASN A 79 1.76 13.76 14.60
CA ASN A 79 1.90 15.18 14.34
C ASN A 79 2.87 15.87 15.29
N ARG A 80 3.16 15.27 16.47
N ARG A 80 3.17 15.27 16.45
CA ARG A 80 4.12 15.83 17.42
CA ARG A 80 4.09 15.86 17.40
C ARG A 80 5.53 15.43 17.11
C ARG A 80 5.53 15.38 17.21
N ASP A 81 5.72 14.23 16.55
CA ASP A 81 7.04 13.60 16.51
C ASP A 81 7.36 13.03 15.13
N PHE A 82 6.88 13.69 14.06
CA PHE A 82 7.17 13.29 12.69
C PHE A 82 8.63 13.48 12.31
N LEU A 83 9.41 14.23 13.11
CA LEU A 83 10.83 14.36 12.81
C LEU A 83 11.67 13.20 13.33
N ILE A 84 11.08 12.18 13.99
CA ILE A 84 11.90 11.06 14.47
C ILE A 84 12.56 10.38 13.28
N GLY A 85 13.87 10.14 13.42
CA GLY A 85 14.62 9.52 12.35
C GLY A 85 15.22 8.18 12.69
N LYS A 86 16.06 7.67 11.78
CA LYS A 86 16.58 6.33 11.93
C LYS A 86 17.61 6.24 13.05
N ALA A 87 18.31 7.33 13.38
CA ALA A 87 19.25 7.29 14.51
C ALA A 87 18.51 7.04 15.82
N PHE A 88 17.39 7.75 16.05
CA PHE A 88 16.63 7.50 17.25
C PHE A 88 16.12 6.07 17.28
N CYS A 89 15.63 5.60 16.15
CA CYS A 89 15.07 4.25 16.11
C CYS A 89 16.14 3.21 16.44
N ARG A 90 17.36 3.40 15.93
CA ARG A 90 18.45 2.49 16.28
C ARG A 90 18.73 2.54 17.77
N GLU A 91 18.75 3.74 18.34
CA GLU A 91 19.04 3.90 19.76
C GLU A 91 17.96 3.22 20.61
N ALA A 92 16.73 3.30 20.17
CA ALA A 92 15.61 2.73 20.93
C ALA A 92 15.32 1.29 20.56
N GLY A 93 16.00 0.73 19.59
CA GLY A 93 15.73 -0.63 19.22
C GLY A 93 14.42 -0.91 18.48
N CYS A 94 14.02 0.12 17.78
N CYS A 94 14.04 0.19 17.78
CA CYS A 94 12.80 0.03 17.02
CA CYS A 94 12.72 0.40 17.08
C CYS A 94 12.92 0.29 15.53
C CYS A 94 12.89 0.37 15.54
N THR A 95 11.88 -0.13 14.82
CA THR A 95 11.85 0.02 13.41
C THR A 95 10.83 1.08 13.06
N LEU A 96 11.26 2.03 12.23
CA LEU A 96 10.39 3.10 11.78
C LEU A 96 9.44 2.57 10.70
N LEU A 97 8.12 2.77 10.92
CA LEU A 97 7.10 2.34 9.98
C LEU A 97 6.48 3.56 9.34
N PRO A 98 6.35 3.60 8.01
CA PRO A 98 5.67 4.73 7.38
C PRO A 98 4.19 4.74 7.67
N ASP A 99 3.64 5.94 7.63
CA ASP A 99 2.19 6.15 7.73
C ASP A 99 1.69 6.42 6.31
N PRO A 100 0.91 5.50 5.73
CA PRO A 100 0.30 4.30 6.28
C PRO A 100 1.18 3.06 6.15
N SER A 101 0.92 2.05 6.98
CA SER A 101 1.49 0.72 6.83
C SER A 101 0.39 -0.32 6.94
N VAL A 102 0.48 -1.38 6.11
CA VAL A 102 -0.35 -2.57 6.30
C VAL A 102 0.53 -3.68 6.82
N ILE A 103 0.09 -4.35 7.87
CA ILE A 103 0.82 -5.45 8.46
C ILE A 103 -0.04 -6.70 8.39
N ASP A 104 0.63 -7.85 8.48
CA ASP A 104 -0.02 -9.14 8.65
C ASP A 104 -0.19 -9.39 10.15
N LEU A 105 -1.40 -9.38 10.60
CA LEU A 105 -1.70 -9.64 12.00
C LEU A 105 -2.49 -10.95 12.07
N TYR A 106 -1.80 -12.04 12.39
CA TYR A 106 -2.39 -13.35 12.52
C TYR A 106 -3.23 -13.76 11.30
N GLY A 107 -2.71 -13.44 10.12
CA GLY A 107 -3.32 -13.85 8.88
C GLY A 107 -4.26 -12.85 8.26
N GLU A 108 -4.55 -11.74 8.96
CA GLU A 108 -5.40 -10.67 8.46
C GLU A 108 -4.58 -9.43 8.12
N PRO A 109 -4.77 -8.82 6.96
CA PRO A 109 -4.11 -7.53 6.68
C PRO A 109 -4.76 -6.40 7.47
N VAL A 110 -3.93 -5.64 8.18
CA VAL A 110 -4.41 -4.60 9.06
C VAL A 110 -3.71 -3.28 8.75
N LEU A 111 -4.49 -2.21 8.60
CA LEU A 111 -3.96 -0.90 8.25
C LEU A 111 -3.66 -0.11 9.52
N LEU A 112 -2.46 0.46 9.59
CA LEU A 112 -2.01 1.29 10.70
C LEU A 112 -1.72 2.70 10.22
N MET A 113 -2.25 3.69 10.94
CA MET A 113 -2.05 5.11 10.62
C MET A 113 -1.98 5.86 11.95
N HIS A 114 -1.34 7.03 11.96
CA HIS A 114 -1.50 7.87 13.15
C HIS A 114 -2.94 8.34 13.28
N GLY A 115 -3.54 8.75 12.16
CA GLY A 115 -4.93 9.13 12.12
C GLY A 115 -5.16 10.54 11.67
N ASP A 116 -4.17 11.42 11.85
CA ASP A 116 -4.41 12.83 11.52
C ASP A 116 -4.64 13.01 10.03
N SER A 117 -4.08 12.14 9.20
CA SER A 117 -4.28 12.30 7.76
C SER A 117 -5.73 12.09 7.35
N LEU A 118 -6.54 11.47 8.19
CA LEU A 118 -7.95 11.25 7.90
C LEU A 118 -8.83 12.43 8.28
N CYS A 119 -8.26 13.45 8.91
CA CYS A 119 -9.03 14.54 9.48
C CYS A 119 -9.13 15.67 8.44
N THR A 120 -9.74 15.33 7.31
CA THR A 120 -9.65 16.18 6.14
C THR A 120 -10.62 17.37 6.17
N ARG A 121 -11.54 17.42 7.13
CA ARG A 121 -12.39 18.60 7.25
C ARG A 121 -11.70 19.74 8.01
N ASP A 122 -10.55 19.46 8.63
CA ASP A 122 -9.78 20.47 9.38
C ASP A 122 -8.81 21.13 8.40
N GLU A 123 -9.33 22.11 7.67
CA GLU A 123 -8.58 22.62 6.53
C GLU A 123 -7.31 23.35 6.97
N ALA A 124 -7.36 24.08 8.08
CA ALA A 124 -6.16 24.75 8.55
C ALA A 124 -5.09 23.75 8.94
N TYR A 125 -5.50 22.66 9.60
CA TYR A 125 -4.53 21.62 9.94
C TYR A 125 -4.00 20.95 8.68
N MET A 126 -4.88 20.67 7.70
CA MET A 126 -4.41 20.05 6.47
C MET A 126 -3.33 20.91 5.79
N ARG A 127 -3.55 22.22 5.74
CA ARG A 127 -2.54 23.11 5.17
C ARG A 127 -1.24 23.00 5.95
N LEU A 128 -1.33 23.03 7.27
CA LEU A 128 -0.13 22.93 8.09
C LEU A 128 0.60 21.62 7.85
N ARG A 129 -0.14 20.50 7.82
CA ARG A 129 0.46 19.19 7.65
C ARG A 129 1.16 19.08 6.30
N ARG A 130 0.53 19.57 5.25
CA ARG A 130 1.15 19.49 3.93
C ARG A 130 2.46 20.25 3.92
N TRP A 131 2.49 21.40 4.60
CA TRP A 131 3.72 22.20 4.67
C TRP A 131 4.78 21.50 5.52
N LEU A 132 4.39 21.02 6.70
CA LEU A 132 5.40 20.42 7.57
C LEU A 132 6.07 19.22 6.93
N ARG A 133 5.32 18.44 6.14
CA ARG A 133 5.87 17.25 5.52
C ARG A 133 6.48 17.50 4.15
N ASN A 134 6.44 18.74 3.66
CA ASN A 134 7.14 19.09 2.45
C ASN A 134 8.64 18.83 2.64
N PRO A 135 9.31 18.16 1.70
CA PRO A 135 10.74 17.88 1.86
C PRO A 135 11.59 19.12 2.11
N LEU A 136 11.19 20.25 1.54
CA LEU A 136 11.93 21.48 1.78
C LEU A 136 11.78 21.91 3.23
N THR A 137 10.59 21.79 3.79
CA THR A 137 10.39 22.18 5.18
C THR A 137 11.20 21.27 6.09
N LEU A 138 11.12 19.98 5.83
CA LEU A 138 11.83 19.02 6.66
C LEU A 138 13.32 19.30 6.65
N TRP A 139 13.88 19.59 5.48
CA TRP A 139 15.30 19.90 5.42
C TRP A 139 15.61 21.16 6.23
N VAL A 140 14.83 22.22 6.03
CA VAL A 140 15.09 23.45 6.78
C VAL A 140 14.99 23.21 8.29
N LEU A 141 13.91 22.54 8.74
CA LEU A 141 13.69 22.43 10.18
C LEU A 141 14.82 21.66 10.83
N ARG A 142 15.33 20.62 10.14
CA ARG A 142 16.43 19.82 10.68
C ARG A 142 17.77 20.54 10.66
N HIS A 143 17.86 21.71 10.05
CA HIS A 143 19.11 22.46 9.97
C HIS A 143 19.02 23.84 10.63
N LEU A 144 18.08 24.04 11.52
CA LEU A 144 18.04 25.26 12.31
C LEU A 144 18.74 25.05 13.64
N PRO A 145 19.23 26.11 14.26
CA PRO A 145 19.79 25.99 15.61
C PRO A 145 18.79 25.34 16.56
N LEU A 146 19.30 24.52 17.49
CA LEU A 146 18.42 23.87 18.47
C LEU A 146 17.54 24.90 19.19
N ALA A 147 18.14 26.02 19.62
CA ALA A 147 17.38 27.04 20.33
C ALA A 147 16.22 27.55 19.48
N THR A 148 16.47 27.72 18.18
CA THR A 148 15.45 28.18 17.26
C THR A 148 14.36 27.13 17.08
N ARG A 149 14.75 25.86 16.97
CA ARG A 149 13.77 24.79 16.84
C ARG A 149 12.84 24.75 18.03
N HIS A 150 13.38 24.85 19.24
CA HIS A 150 12.52 24.87 20.41
C HIS A 150 11.55 26.04 20.38
N LYS A 151 12.03 27.21 19.93
CA LYS A 151 11.17 28.38 19.84
C LYS A 151 10.04 28.17 18.83
N LEU A 152 10.36 27.60 17.67
CA LEU A 152 9.33 27.31 16.67
C LEU A 152 8.34 26.28 17.21
N ALA A 153 8.84 25.25 17.91
CA ALA A 153 7.96 24.22 18.45
C ALA A 153 6.98 24.82 19.46
N ARG A 154 7.48 25.71 20.34
CA ARG A 154 6.62 26.35 21.31
C ARG A 154 5.55 27.19 20.62
N LYS A 155 5.94 27.92 19.58
CA LYS A 155 5.00 28.73 18.82
C LYS A 155 3.91 27.87 18.21
N LEU A 156 4.31 26.77 17.59
CA LEU A 156 3.35 25.87 16.97
C LEU A 156 2.40 25.30 18.02
N ARG A 157 2.93 24.88 19.18
N ARG A 157 2.94 24.88 19.16
CA ARG A 157 2.06 24.35 20.23
CA ARG A 157 2.07 24.36 20.22
C ARG A 157 1.08 25.40 20.70
C ARG A 157 1.09 25.39 20.70
N LYS A 158 1.58 26.62 20.92
CA LYS A 158 0.75 27.68 21.44
C LYS A 158 -0.38 28.03 20.48
N GLU A 159 -0.04 28.16 19.20
CA GLU A 159 -1.09 28.47 18.21
C GLU A 159 -2.04 27.30 18.02
N SER A 160 -1.52 26.08 18.07
CA SER A 160 -2.39 24.92 17.93
C SER A 160 -3.40 24.84 19.06
N ARG A 161 -2.92 24.98 20.30
CA ARG A 161 -3.85 24.92 21.43
C ARG A 161 -4.93 25.98 21.30
N ALA A 162 -4.55 27.19 20.85
CA ALA A 162 -5.52 28.26 20.70
C ALA A 162 -6.57 27.92 19.64
N GLN A 163 -6.10 27.51 18.46
CA GLN A 163 -7.01 27.22 17.35
C GLN A 163 -7.88 25.99 17.66
N THR A 164 -7.30 24.95 18.27
CA THR A 164 -8.07 23.73 18.52
C THR A 164 -9.22 23.99 19.48
N ARG A 165 -9.03 24.88 20.45
CA ARG A 165 -10.12 25.21 21.38
C ARG A 165 -11.34 25.79 20.66
N MET A 166 -11.19 26.24 19.43
CA MET A 166 -12.25 26.88 18.66
C MET A 166 -12.90 25.94 17.66
N LYS A 167 -12.41 24.72 17.54
CA LYS A 167 -12.85 23.81 16.49
C LYS A 167 -13.83 22.80 17.08
N ALA A 168 -14.98 22.64 16.42
CA ALA A 168 -15.90 21.58 16.85
C ALA A 168 -15.31 20.19 16.65
N VAL A 169 -15.94 19.21 17.33
CA VAL A 169 -15.46 17.84 17.26
C VAL A 169 -15.49 17.31 15.85
N ASP A 170 -16.47 17.71 15.06
CA ASP A 170 -16.57 17.18 13.72
C ASP A 170 -15.81 18.01 12.70
N ILE A 171 -14.96 18.92 13.17
CA ILE A 171 -13.89 19.47 12.37
C ILE A 171 -12.62 18.67 12.60
N ILE A 172 -12.36 18.31 13.86
CA ILE A 172 -11.08 17.71 14.16
C ILE A 172 -11.06 16.18 14.09
N ASP A 173 -12.20 15.50 14.21
CA ASP A 173 -12.26 14.04 14.17
C ASP A 173 -12.14 13.55 12.72
N VAL A 174 -11.96 12.23 12.56
CA VAL A 174 -11.74 11.68 11.23
C VAL A 174 -12.97 11.95 10.37
N THR A 175 -12.74 12.27 9.11
CA THR A 175 -13.85 12.42 8.16
C THR A 175 -14.52 11.08 7.93
N PRO A 176 -15.82 10.92 8.17
CA PRO A 176 -16.39 9.57 8.10
C PRO A 176 -16.13 8.86 6.78
N GLU A 177 -16.35 9.54 5.64
CA GLU A 177 -16.23 8.88 4.34
C GLU A 177 -14.78 8.55 3.97
N GLU A 178 -13.80 9.19 4.61
CA GLU A 178 -12.40 8.83 4.34
C GLU A 178 -12.09 7.43 4.84
N VAL A 179 -12.79 6.96 5.87
CA VAL A 179 -12.44 5.67 6.47
C VAL A 179 -12.68 4.54 5.48
N PRO A 180 -13.88 4.37 4.91
CA PRO A 180 -14.00 3.31 3.91
C PRO A 180 -13.13 3.56 2.72
N ARG A 181 -12.89 4.82 2.34
CA ARG A 181 -12.05 5.06 1.18
C ARG A 181 -10.65 4.47 1.38
N VAL A 182 -10.01 4.78 2.53
CA VAL A 182 -8.63 4.31 2.73
C VAL A 182 -8.61 2.83 3.05
N MET A 183 -9.62 2.31 3.74
CA MET A 183 -9.61 0.88 4.07
C MET A 183 -9.80 0.04 2.83
N ARG A 184 -10.79 0.39 1.99
CA ARG A 184 -10.90 -0.27 0.69
C ARG A 184 -9.61 -0.17 -0.11
N GLY A 185 -9.01 1.03 -0.15
CA GLY A 185 -7.82 1.21 -0.96
C GLY A 185 -6.69 0.29 -0.58
N HIS A 186 -6.57 -0.02 0.70
CA HIS A 186 -5.54 -0.93 1.19
C HIS A 186 -5.99 -2.37 1.30
N GLY A 187 -7.25 -2.68 0.99
CA GLY A 187 -7.72 -4.06 1.02
C GLY A 187 -7.84 -4.60 2.42
N VAL A 188 -8.30 -3.79 3.36
CA VAL A 188 -8.36 -4.23 4.75
C VAL A 188 -9.78 -4.09 5.28
N ARG A 189 -10.04 -4.84 6.35
CA ARG A 189 -11.28 -4.70 7.10
C ARG A 189 -11.00 -4.27 8.54
N THR A 190 -9.74 -4.05 8.90
CA THR A 190 -9.39 -3.49 10.20
C THR A 190 -8.43 -2.34 9.98
N LEU A 191 -8.71 -1.22 10.63
CA LEU A 191 -7.83 -0.04 10.68
C LEU A 191 -7.61 0.31 12.14
N ILE A 192 -6.35 0.57 12.53
CA ILE A 192 -6.00 1.01 13.87
C ILE A 192 -5.32 2.37 13.72
N HIS A 193 -5.75 3.35 14.51
CA HIS A 193 -5.13 4.66 14.50
C HIS A 193 -5.31 5.32 15.87
N GLY A 194 -4.58 6.41 16.08
CA GLY A 194 -4.77 7.24 17.28
C GLY A 194 -5.17 8.64 16.85
N HIS A 195 -4.44 9.63 17.36
CA HIS A 195 -4.60 11.05 17.09
C HIS A 195 -5.83 11.71 17.72
N THR A 196 -7.01 11.10 17.61
CA THR A 196 -8.23 11.82 17.93
C THR A 196 -8.62 11.78 19.40
N HIS A 197 -7.92 11.01 20.24
CA HIS A 197 -8.15 11.04 21.68
C HIS A 197 -9.56 10.55 22.04
N ARG A 198 -10.14 9.71 21.19
CA ARG A 198 -11.52 9.23 21.34
C ARG A 198 -11.47 7.71 21.23
N PRO A 199 -10.89 7.05 22.23
CA PRO A 199 -10.76 5.59 22.17
C PRO A 199 -12.12 4.92 22.01
N ALA A 200 -12.18 4.01 21.05
CA ALA A 200 -13.44 3.42 20.63
C ALA A 200 -13.19 2.38 19.56
N GLU A 201 -14.21 1.57 19.31
CA GLU A 201 -14.21 0.65 18.17
C GLU A 201 -15.45 0.97 17.37
N HIS A 202 -15.25 1.26 16.08
CA HIS A 202 -16.30 1.71 15.17
C HIS A 202 -16.55 0.66 14.11
N PRO A 203 -17.65 -0.06 14.15
CA PRO A 203 -18.02 -0.91 13.02
C PRO A 203 -18.43 -0.08 11.83
N LEU A 204 -18.21 -0.64 10.64
CA LEU A 204 -18.70 -0.04 9.42
C LEU A 204 -18.83 -1.14 8.39
N ASP A 205 -19.47 -0.80 7.30
CA ASP A 205 -19.70 -1.69 6.17
C ASP A 205 -18.85 -1.17 5.01
N ILE A 206 -18.03 -2.04 4.40
CA ILE A 206 -17.29 -1.69 3.19
C ILE A 206 -17.72 -2.68 2.11
N ASP A 207 -18.44 -2.19 1.10
CA ASP A 207 -18.83 -3.04 -0.02
C ASP A 207 -19.58 -4.27 0.46
N GLY A 208 -20.34 -4.12 1.52
CA GLY A 208 -21.21 -5.18 2.00
C GLY A 208 -20.61 -6.10 3.03
N GLN A 209 -19.32 -5.91 3.37
CA GLN A 209 -18.66 -6.73 4.37
C GLN A 209 -18.40 -5.93 5.64
N PRO A 210 -18.43 -6.58 6.79
CA PRO A 210 -18.18 -5.86 8.03
C PRO A 210 -16.72 -5.49 8.17
N ALA A 211 -16.50 -4.32 8.74
CA ALA A 211 -15.15 -3.81 8.98
C ALA A 211 -15.13 -3.08 10.31
N ARG A 212 -13.93 -2.75 10.80
CA ARG A 212 -13.83 -2.08 12.09
C ARG A 212 -12.68 -1.08 12.05
N ARG A 213 -12.91 0.04 12.73
CA ARG A 213 -11.88 1.06 12.95
C ARG A 213 -11.67 1.17 14.46
N ILE A 214 -10.48 0.81 14.94
CA ILE A 214 -10.15 0.86 16.35
C ILE A 214 -9.30 2.09 16.60
N VAL A 215 -9.74 2.95 17.52
CA VAL A 215 -9.09 4.20 17.88
C VAL A 215 -8.42 4.02 19.23
N LEU A 216 -7.13 4.22 19.26
CA LEU A 216 -6.33 4.12 20.47
C LEU A 216 -6.55 5.35 21.35
N GLY A 217 -6.46 5.15 22.65
CA GLY A 217 -6.66 6.23 23.59
C GLY A 217 -5.38 6.98 23.92
N ASP A 218 -5.51 8.27 24.19
CA ASP A 218 -4.39 9.06 24.63
C ASP A 218 -4.21 8.89 26.14
N TRP A 219 -3.02 9.23 26.64
CA TRP A 219 -2.65 8.93 28.02
C TRP A 219 -2.75 10.13 28.96
N ASP A 220 -3.51 11.17 28.60
CA ASP A 220 -3.53 12.37 29.43
C ASP A 220 -4.10 12.13 30.81
N ARG A 221 -5.11 11.26 30.91
CA ARG A 221 -5.81 11.02 32.18
C ARG A 221 -5.70 9.58 32.64
N GLN A 222 -5.54 8.64 31.72
CA GLN A 222 -5.28 7.25 32.05
C GLN A 222 -4.53 6.65 30.87
N GLY A 223 -3.76 5.60 31.15
CA GLY A 223 -3.13 4.85 30.09
C GLY A 223 -4.11 4.01 29.32
N TRP A 224 -3.72 3.68 28.08
CA TRP A 224 -4.51 2.83 27.21
C TRP A 224 -3.59 1.87 26.47
N ALA A 225 -4.10 0.67 26.22
CA ALA A 225 -3.42 -0.27 25.33
C ALA A 225 -4.45 -1.14 24.63
N LEU A 226 -4.22 -1.38 23.35
CA LEU A 226 -4.90 -2.42 22.56
C LEU A 226 -4.00 -3.64 22.44
N GLU A 227 -4.53 -4.81 22.80
CA GLU A 227 -3.82 -6.07 22.67
C GLU A 227 -4.59 -6.92 21.69
N ILE A 228 -3.89 -7.49 20.72
CA ILE A 228 -4.48 -8.39 19.72
C ILE A 228 -3.68 -9.68 19.74
N ASP A 229 -4.38 -10.82 19.75
CA ASP A 229 -3.75 -12.11 19.60
C ASP A 229 -4.53 -12.87 18.53
N ALA A 230 -4.13 -14.11 18.28
CA ALA A 230 -4.73 -14.89 17.20
C ALA A 230 -6.21 -15.13 17.43
N ASN A 231 -6.69 -14.97 18.65
CA ASN A 231 -8.07 -15.32 18.96
C ASN A 231 -8.96 -14.13 19.33
N GLY A 232 -8.44 -12.92 19.42
CA GLY A 232 -9.31 -11.79 19.67
C GLY A 232 -8.51 -10.57 20.01
N HIS A 233 -9.20 -9.58 20.57
CA HIS A 233 -8.56 -8.33 20.91
C HIS A 233 -9.25 -7.66 22.09
N ARG A 234 -8.50 -6.75 22.71
CA ARG A 234 -9.02 -5.97 23.84
C ARG A 234 -8.28 -4.67 23.94
N GLN A 235 -9.01 -3.56 23.94
CA GLN A 235 -8.46 -2.27 24.34
C GLN A 235 -9.09 -1.85 25.66
N ALA A 236 -8.25 -1.51 26.63
CA ALA A 236 -8.74 -1.15 27.94
C ALA A 236 -7.79 -0.14 28.54
N PRO A 237 -8.27 0.68 29.48
CA PRO A 237 -7.43 1.67 30.14
C PRO A 237 -6.85 1.12 31.44
N PHE A 238 -5.92 1.89 31.98
CA PHE A 238 -5.35 1.56 33.28
C PHE A 238 -4.87 2.86 33.90
N PRO A 239 -4.76 2.92 35.22
CA PRO A 239 -4.50 4.21 35.88
C PRO A 239 -3.10 4.73 35.65
N LEU A 240 -2.96 6.04 35.70
CA LEU A 240 -1.63 6.66 35.64
C LEU A 240 -0.85 6.49 36.94
N SER B 2 -2.34 -26.38 -10.20
CA SER B 2 -2.57 -25.01 -9.76
C SER B 2 -2.44 -24.05 -10.93
N VAL B 3 -2.86 -22.80 -10.72
CA VAL B 3 -2.83 -21.75 -11.73
C VAL B 3 -2.16 -20.51 -11.12
N LEU B 4 -1.31 -19.83 -11.91
CA LEU B 4 -0.59 -18.65 -11.46
C LEU B 4 -1.02 -17.43 -12.24
N PHE B 5 -1.07 -16.30 -11.56
CA PHE B 5 -1.42 -15.01 -12.13
C PHE B 5 -0.35 -14.00 -11.78
N ILE B 6 0.17 -13.31 -12.81
CA ILE B 6 1.14 -12.24 -12.63
C ILE B 6 0.77 -11.09 -13.56
N SER B 7 1.29 -9.90 -13.24
CA SER B 7 1.08 -8.76 -14.13
C SER B 7 2.07 -7.66 -13.74
N ASP B 8 2.20 -6.66 -14.63
CA ASP B 8 2.91 -5.42 -14.30
C ASP B 8 4.36 -5.71 -13.96
N LEU B 9 4.99 -6.57 -14.77
CA LEU B 9 6.41 -6.84 -14.62
C LEU B 9 7.26 -5.72 -15.23
N HIS B 10 6.79 -5.10 -16.31
CA HIS B 10 7.56 -4.08 -17.05
C HIS B 10 8.94 -4.59 -17.45
N LEU B 11 9.00 -5.79 -18.02
CA LEU B 11 10.27 -6.35 -18.46
C LEU B 11 10.93 -5.44 -19.50
N GLU B 12 12.23 -5.23 -19.33
CA GLU B 12 13.02 -4.48 -20.31
C GLU B 12 14.48 -4.82 -20.12
N ALA B 13 15.26 -4.55 -21.17
CA ALA B 13 16.68 -4.90 -21.14
C ALA B 13 17.39 -4.25 -19.96
N GLU B 14 17.03 -3.01 -19.63
CA GLU B 14 17.75 -2.28 -18.60
C GLU B 14 17.25 -2.58 -17.18
N ARG B 15 16.40 -3.59 -17.01
CA ARG B 15 16.00 -4.05 -15.67
C ARG B 15 16.34 -5.52 -15.53
N PRO B 16 17.63 -5.86 -15.54
CA PRO B 16 18.01 -7.28 -15.39
C PRO B 16 17.63 -7.86 -14.05
N ASP B 17 17.39 -7.04 -13.02
CA ASP B 17 16.94 -7.59 -11.75
C ASP B 17 15.56 -8.22 -11.91
N ILE B 18 14.65 -7.55 -12.60
CA ILE B 18 13.34 -8.13 -12.81
C ILE B 18 13.43 -9.36 -13.70
N THR B 19 14.27 -9.30 -14.74
CA THR B 19 14.41 -10.42 -15.66
C THR B 19 14.88 -11.67 -14.94
N ARG B 20 15.93 -11.55 -14.13
CA ARG B 20 16.44 -12.73 -13.40
C ARG B 20 15.38 -13.30 -12.46
N ALA B 21 14.64 -12.42 -11.76
CA ALA B 21 13.55 -12.89 -10.90
C ALA B 21 12.50 -13.64 -11.71
N PHE B 22 12.11 -13.07 -12.84
CA PHE B 22 11.08 -13.69 -13.66
C PHE B 22 11.52 -15.04 -14.22
N LEU B 23 12.76 -15.12 -14.70
CA LEU B 23 13.21 -16.40 -15.24
C LEU B 23 13.28 -17.47 -14.16
N SER B 24 13.72 -17.08 -12.96
CA SER B 24 13.73 -18.01 -11.84
C SER B 24 12.31 -18.44 -11.49
N PHE B 25 11.37 -17.50 -11.53
CA PHE B 25 9.96 -17.81 -11.29
C PHE B 25 9.45 -18.80 -12.32
N LEU B 26 9.81 -18.62 -13.59
CA LEU B 26 9.37 -19.57 -14.61
C LEU B 26 9.86 -20.96 -14.31
N ASP B 27 11.13 -21.07 -13.93
CA ASP B 27 11.77 -22.36 -13.66
C ASP B 27 11.18 -23.03 -12.42
N GLU B 28 11.06 -22.29 -11.32
CA GLU B 28 10.72 -22.91 -10.04
C GLU B 28 9.22 -23.07 -9.86
N ARG B 29 8.41 -22.22 -10.48
CA ARG B 29 6.98 -22.23 -10.20
C ARG B 29 6.12 -22.42 -11.43
N ALA B 30 6.38 -21.69 -12.52
CA ALA B 30 5.46 -21.78 -13.65
C ALA B 30 5.48 -23.18 -14.27
N ARG B 31 6.64 -23.81 -14.32
CA ARG B 31 6.74 -25.13 -14.93
C ARG B 31 5.88 -26.16 -14.23
N ARG B 32 5.57 -25.97 -12.96
CA ARG B 32 4.78 -26.94 -12.23
C ARG B 32 3.29 -26.61 -12.20
N ALA B 33 2.87 -25.52 -12.82
CA ALA B 33 1.49 -25.09 -12.85
C ALA B 33 0.79 -25.55 -14.13
N GLU B 34 -0.53 -25.72 -14.02
CA GLU B 34 -1.36 -26.02 -15.18
C GLU B 34 -1.38 -24.86 -16.15
N ALA B 35 -1.40 -23.64 -15.62
CA ALA B 35 -1.47 -22.44 -16.45
C ALA B 35 -0.85 -21.24 -15.74
N LEU B 36 -0.37 -20.32 -16.57
CA LEU B 36 0.17 -19.04 -16.17
C LEU B 36 -0.58 -17.98 -16.95
N TYR B 37 -1.20 -17.06 -16.22
CA TYR B 37 -1.92 -15.92 -16.76
C TYR B 37 -1.14 -14.64 -16.49
N ILE B 38 -0.90 -13.86 -17.53
CA ILE B 38 -0.12 -12.61 -17.47
C ILE B 38 -1.08 -11.48 -17.83
N LEU B 39 -1.51 -10.71 -16.83
CA LEU B 39 -2.64 -9.81 -17.00
C LEU B 39 -2.23 -8.37 -17.31
N GLY B 40 -1.40 -8.22 -18.33
CA GLY B 40 -1.03 -6.92 -18.88
C GLY B 40 0.25 -6.34 -18.31
N ASP B 41 0.87 -5.46 -19.09
CA ASP B 41 2.10 -4.77 -18.72
C ASP B 41 3.21 -5.78 -18.37
N PHE B 42 3.27 -6.82 -19.18
CA PHE B 42 4.35 -7.80 -19.12
C PHE B 42 5.66 -7.14 -19.51
N PHE B 43 5.64 -6.39 -20.61
CA PHE B 43 6.78 -5.60 -21.07
C PHE B 43 6.62 -4.14 -20.72
N GLU B 44 7.76 -3.46 -20.53
CA GLU B 44 7.73 -2.05 -20.21
C GLU B 44 7.10 -1.24 -21.33
N ALA B 45 7.30 -1.69 -22.57
CA ALA B 45 6.64 -1.07 -23.72
C ALA B 45 6.71 -2.03 -24.90
N TRP B 46 5.70 -1.96 -25.77
CA TRP B 46 5.65 -2.75 -27.00
C TRP B 46 5.26 -1.87 -28.16
N ILE B 47 6.13 -1.79 -29.18
CA ILE B 47 5.77 -1.03 -30.38
C ILE B 47 5.28 -1.93 -31.50
N GLY B 48 5.16 -3.23 -31.25
CA GLY B 48 4.66 -4.13 -32.27
C GLY B 48 5.55 -5.33 -32.43
N ASP B 49 5.00 -6.43 -32.92
CA ASP B 49 5.75 -7.68 -32.92
C ASP B 49 6.94 -7.61 -33.86
N ASP B 50 6.88 -6.76 -34.88
CA ASP B 50 7.99 -6.62 -35.82
C ASP B 50 9.12 -5.79 -35.25
N GLY B 51 8.97 -5.21 -34.07
CA GLY B 51 9.98 -4.36 -33.51
C GLY B 51 10.73 -4.95 -32.34
N MET B 52 10.62 -6.26 -32.12
CA MET B 52 11.22 -6.88 -30.95
C MET B 52 12.73 -6.75 -30.98
N ASP B 53 13.32 -6.36 -29.84
CA ASP B 53 14.76 -6.38 -29.69
C ASP B 53 15.19 -7.78 -29.26
N ALA B 54 16.49 -7.96 -29.13
CA ALA B 54 17.04 -9.25 -28.74
C ALA B 54 16.54 -9.67 -27.37
N PHE B 55 16.43 -8.70 -26.46
CA PHE B 55 15.91 -9.01 -25.13
C PHE B 55 14.51 -9.60 -25.22
N GLN B 56 13.63 -8.94 -25.98
CA GLN B 56 12.24 -9.38 -26.01
C GLN B 56 12.13 -10.75 -26.66
N ARG B 57 12.94 -11.03 -27.68
CA ARG B 57 12.96 -12.38 -28.25
C ARG B 57 13.42 -13.41 -27.23
N SER B 58 14.42 -13.08 -26.40
CA SER B 58 14.86 -14.06 -25.41
C SER B 58 13.76 -14.35 -24.40
N ILE B 59 12.96 -13.34 -24.04
CA ILE B 59 11.82 -13.57 -23.17
C ILE B 59 10.81 -14.50 -23.84
N ALA B 60 10.53 -14.26 -25.11
CA ALA B 60 9.65 -15.17 -25.84
C ALA B 60 10.17 -16.60 -25.80
N GLN B 61 11.48 -16.79 -25.96
CA GLN B 61 12.06 -18.13 -25.94
C GLN B 61 11.93 -18.77 -24.56
N SER B 62 12.09 -17.99 -23.50
CA SER B 62 11.94 -18.52 -22.14
C SER B 62 10.50 -18.92 -21.86
N LEU B 63 9.54 -18.11 -22.32
CA LEU B 63 8.13 -18.51 -22.21
C LEU B 63 7.86 -19.79 -22.98
N ARG B 64 8.42 -19.88 -24.19
CA ARG B 64 8.19 -21.04 -25.03
C ARG B 64 8.70 -22.32 -24.37
N GLN B 65 9.79 -22.24 -23.62
CA GLN B 65 10.30 -23.43 -22.94
C GLN B 65 9.29 -23.95 -21.93
N VAL B 66 8.65 -23.03 -21.20
CA VAL B 66 7.60 -23.41 -20.25
C VAL B 66 6.41 -23.99 -20.99
N ALA B 67 5.98 -23.32 -22.06
CA ALA B 67 4.85 -23.85 -22.82
C ALA B 67 5.15 -25.24 -23.35
N ASP B 68 6.36 -25.44 -23.88
CA ASP B 68 6.74 -26.74 -24.41
C ASP B 68 6.72 -27.82 -23.33
N GLY B 69 6.92 -27.43 -22.08
CA GLY B 69 6.88 -28.38 -20.98
C GLY B 69 5.50 -28.76 -20.52
N GLY B 70 4.45 -28.15 -21.08
CA GLY B 70 3.10 -28.60 -20.80
C GLY B 70 2.23 -27.58 -20.10
N THR B 71 2.76 -26.43 -19.70
CA THR B 71 2.02 -25.41 -18.97
C THR B 71 1.39 -24.47 -19.97
N ARG B 72 0.09 -24.21 -19.83
CA ARG B 72 -0.58 -23.27 -20.71
C ARG B 72 -0.31 -21.84 -20.28
N ILE B 73 -0.01 -20.96 -21.26
CA ILE B 73 0.35 -19.57 -20.96
C ILE B 73 -0.63 -18.67 -21.69
N TYR B 74 -1.25 -17.76 -20.94
CA TYR B 74 -2.24 -16.80 -21.45
C TYR B 74 -1.70 -15.40 -21.19
N LEU B 75 -1.74 -14.55 -22.20
CA LEU B 75 -1.30 -13.18 -22.06
C LEU B 75 -2.45 -12.23 -22.39
N MET B 76 -2.64 -11.24 -21.55
CA MET B 76 -3.64 -10.21 -21.76
C MET B 76 -2.94 -8.87 -21.92
N HIS B 77 -3.49 -8.00 -22.77
CA HIS B 77 -2.93 -6.67 -22.98
C HIS B 77 -3.05 -5.80 -21.74
N GLY B 78 -2.05 -4.91 -21.58
CA GLY B 78 -2.10 -3.80 -20.68
C GLY B 78 -1.88 -2.49 -21.43
N ASN B 79 -1.81 -1.39 -20.68
CA ASN B 79 -1.64 -0.06 -21.29
C ASN B 79 -0.27 0.13 -21.93
N ARG B 80 0.73 -0.70 -21.55
N ARG B 80 0.72 -0.69 -21.55
CA ARG B 80 2.07 -0.58 -22.09
CA ARG B 80 2.07 -0.60 -22.09
C ARG B 80 2.34 -1.53 -23.25
C ARG B 80 2.31 -1.50 -23.29
N ASP B 81 1.56 -2.60 -23.40
CA ASP B 81 1.90 -3.65 -24.35
C ASP B 81 0.67 -4.17 -25.07
N PHE B 82 -0.27 -3.25 -25.33
CA PHE B 82 -1.50 -3.58 -26.04
C PHE B 82 -1.27 -3.90 -27.50
N LEU B 83 -0.09 -3.62 -28.05
CA LEU B 83 0.20 -4.02 -29.40
C LEU B 83 0.78 -5.43 -29.55
N ILE B 84 0.90 -6.21 -28.46
CA ILE B 84 1.37 -7.58 -28.61
C ILE B 84 0.42 -8.34 -29.50
N GLY B 85 0.98 -9.03 -30.49
CA GLY B 85 0.20 -9.70 -31.50
C GLY B 85 0.44 -11.19 -31.62
N LYS B 86 -0.08 -11.76 -32.71
CA LYS B 86 -0.07 -13.19 -32.88
C LYS B 86 1.32 -13.73 -33.18
N ALA B 87 2.13 -12.95 -33.90
CA ALA B 87 3.50 -13.37 -34.16
C ALA B 87 4.27 -13.59 -32.86
N PHE B 88 4.14 -12.65 -31.91
CA PHE B 88 4.78 -12.84 -30.62
C PHE B 88 4.21 -14.05 -29.92
N CYS B 89 2.88 -14.14 -29.89
CA CYS B 89 2.26 -15.23 -29.13
C CYS B 89 2.67 -16.58 -29.72
N ARG B 90 2.82 -16.65 -31.05
CA ARG B 90 3.32 -17.85 -31.72
C ARG B 90 4.73 -18.19 -31.26
N GLU B 91 5.63 -17.20 -31.28
CA GLU B 91 7.01 -17.44 -30.82
C GLU B 91 7.05 -17.89 -29.37
N ALA B 92 6.27 -17.23 -28.52
CA ALA B 92 6.36 -17.43 -27.08
C ALA B 92 5.57 -18.64 -26.59
N GLY B 93 4.75 -19.23 -27.45
CA GLY B 93 3.90 -20.34 -27.03
C GLY B 93 2.77 -19.94 -26.11
N CYS B 94 2.16 -18.78 -26.33
CA CYS B 94 1.09 -18.34 -25.45
C CYS B 94 -0.13 -17.96 -26.29
N THR B 95 -1.26 -17.86 -25.60
CA THR B 95 -2.53 -17.46 -26.22
C THR B 95 -2.91 -16.08 -25.74
N LEU B 96 -3.35 -15.24 -26.69
CA LEU B 96 -3.80 -13.90 -26.35
C LEU B 96 -5.25 -13.94 -25.88
N LEU B 97 -5.49 -13.40 -24.69
CA LEU B 97 -6.83 -13.30 -24.12
C LEU B 97 -7.33 -11.86 -24.17
N PRO B 98 -8.57 -11.64 -24.57
CA PRO B 98 -9.10 -10.27 -24.56
C PRO B 98 -9.36 -9.79 -23.16
N ASP B 99 -9.33 -8.47 -23.01
CA ASP B 99 -9.74 -7.83 -21.77
C ASP B 99 -11.12 -7.23 -21.98
N PRO B 100 -12.12 -7.77 -21.27
CA PRO B 100 -12.13 -8.81 -20.23
C PRO B 100 -12.27 -10.24 -20.77
N SER B 101 -11.87 -11.19 -19.91
CA SER B 101 -12.11 -12.61 -20.11
C SER B 101 -12.67 -13.21 -18.83
N VAL B 102 -13.61 -14.13 -19.00
CA VAL B 102 -14.07 -14.98 -17.92
C VAL B 102 -13.57 -16.38 -18.17
N ILE B 103 -12.92 -16.94 -17.19
CA ILE B 103 -12.39 -18.28 -17.28
C ILE B 103 -13.09 -19.15 -16.26
N ASP B 104 -13.02 -20.46 -16.48
CA ASP B 104 -13.47 -21.42 -15.50
C ASP B 104 -12.27 -21.83 -14.67
N LEU B 105 -12.33 -21.57 -13.37
CA LEU B 105 -11.24 -21.92 -12.47
C LEU B 105 -11.84 -22.88 -11.43
N TYR B 106 -11.63 -24.18 -11.64
CA TYR B 106 -12.09 -25.20 -10.72
C TYR B 106 -13.59 -25.07 -10.48
N GLY B 107 -14.33 -24.92 -11.57
CA GLY B 107 -15.78 -24.87 -11.54
C GLY B 107 -16.37 -23.52 -11.20
N GLU B 108 -15.54 -22.50 -10.89
CA GLU B 108 -16.07 -21.18 -10.61
C GLU B 108 -15.76 -20.23 -11.76
N PRO B 109 -16.70 -19.38 -12.18
CA PRO B 109 -16.35 -18.38 -13.19
C PRO B 109 -15.56 -17.25 -12.54
N VAL B 110 -14.46 -16.85 -13.18
CA VAL B 110 -13.54 -15.85 -12.66
C VAL B 110 -13.29 -14.82 -13.74
N LEU B 111 -13.45 -13.54 -13.41
CA LEU B 111 -13.23 -12.44 -14.33
C LEU B 111 -11.79 -11.95 -14.26
N LEU B 112 -11.18 -11.78 -15.44
CA LEU B 112 -9.79 -11.33 -15.59
C LEU B 112 -9.78 -10.04 -16.42
N MET B 113 -9.07 -9.03 -15.93
CA MET B 113 -8.91 -7.75 -16.59
C MET B 113 -7.52 -7.24 -16.31
N HIS B 114 -6.99 -6.38 -17.19
CA HIS B 114 -5.77 -5.68 -16.80
C HIS B 114 -6.05 -4.79 -15.58
N GLY B 115 -7.23 -4.16 -15.56
CA GLY B 115 -7.70 -3.37 -14.44
C GLY B 115 -7.81 -1.89 -14.75
N ASP B 116 -7.14 -1.43 -15.80
CA ASP B 116 -7.19 -0.02 -16.15
C ASP B 116 -8.57 0.42 -16.62
N SER B 117 -9.39 -0.50 -17.15
CA SER B 117 -10.73 -0.10 -17.55
C SER B 117 -11.61 0.26 -16.37
N LEU B 118 -11.19 -0.09 -15.15
CA LEU B 118 -11.94 0.24 -13.93
C LEU B 118 -11.64 1.64 -13.42
N CYS B 119 -10.63 2.31 -13.97
CA CYS B 119 -10.15 3.57 -13.44
C CYS B 119 -10.87 4.73 -14.13
N THR B 120 -12.19 4.72 -13.94
CA THR B 120 -13.07 5.54 -14.75
C THR B 120 -13.05 7.00 -14.35
N ARG B 121 -12.47 7.34 -13.19
CA ARG B 121 -12.39 8.74 -12.81
C ARG B 121 -11.17 9.44 -13.36
N ASP B 122 -10.26 8.70 -14.01
CA ASP B 122 -9.08 9.24 -14.69
C ASP B 122 -9.51 9.58 -16.11
N GLU B 123 -10.09 10.77 -16.28
CA GLU B 123 -10.83 11.04 -17.53
C GLU B 123 -9.88 11.19 -18.70
N ALA B 124 -8.72 11.82 -18.48
CA ALA B 124 -7.72 11.93 -19.54
C ALA B 124 -7.23 10.56 -19.97
N TYR B 125 -7.05 9.65 -19.01
CA TYR B 125 -6.64 8.31 -19.38
C TYR B 125 -7.76 7.56 -20.09
N MET B 126 -9.01 7.74 -19.64
CA MET B 126 -10.13 7.07 -20.29
C MET B 126 -10.21 7.48 -21.76
N ARG B 127 -9.95 8.74 -22.06
CA ARG B 127 -9.98 9.21 -23.45
C ARG B 127 -8.88 8.55 -24.26
N LEU B 128 -7.68 8.47 -23.70
CA LEU B 128 -6.58 7.83 -24.39
C LEU B 128 -6.89 6.37 -24.66
N ARG B 129 -7.43 5.67 -23.65
CA ARG B 129 -7.66 4.25 -23.76
C ARG B 129 -8.68 3.94 -24.84
N ARG B 130 -9.80 4.66 -24.82
CA ARG B 130 -10.83 4.46 -25.84
C ARG B 130 -10.26 4.71 -27.22
N TRP B 131 -9.47 5.76 -27.35
CA TRP B 131 -8.88 6.09 -28.65
C TRP B 131 -7.88 5.03 -29.08
N LEU B 132 -6.98 4.59 -28.18
CA LEU B 132 -6.01 3.57 -28.57
C LEU B 132 -6.68 2.28 -29.02
N ARG B 133 -7.81 1.92 -28.42
CA ARG B 133 -8.48 0.68 -28.78
C ARG B 133 -9.54 0.85 -29.88
N ASN B 134 -9.71 2.06 -30.41
CA ASN B 134 -10.56 2.26 -31.56
C ASN B 134 -9.99 1.46 -32.73
N PRO B 135 -10.82 0.71 -33.48
CA PRO B 135 -10.27 -0.05 -34.62
C PRO B 135 -9.49 0.80 -35.60
N LEU B 136 -9.96 2.03 -35.83
CA LEU B 136 -9.29 2.94 -36.75
C LEU B 136 -7.87 3.24 -36.26
N THR B 137 -7.71 3.49 -34.96
CA THR B 137 -6.39 3.79 -34.40
C THR B 137 -5.48 2.60 -34.53
N LEU B 138 -5.99 1.40 -34.17
CA LEU B 138 -5.16 0.19 -34.29
C LEU B 138 -4.79 -0.07 -35.74
N TRP B 139 -5.70 0.19 -36.68
CA TRP B 139 -5.31 0.01 -38.08
C TRP B 139 -4.17 0.95 -38.45
N VAL B 140 -4.24 2.21 -38.03
CA VAL B 140 -3.14 3.12 -38.31
C VAL B 140 -1.86 2.60 -37.70
N LEU B 141 -1.89 2.28 -36.40
CA LEU B 141 -0.67 1.90 -35.70
C LEU B 141 -0.02 0.70 -36.36
N ARG B 142 -0.83 -0.24 -36.83
CA ARG B 142 -0.32 -1.44 -37.53
C ARG B 142 0.21 -1.15 -38.92
N HIS B 143 0.01 0.06 -39.46
CA HIS B 143 0.55 0.40 -40.77
C HIS B 143 1.53 1.56 -40.69
N LEU B 144 2.22 1.70 -39.57
CA LEU B 144 3.23 2.74 -39.47
C LEU B 144 4.63 2.15 -39.51
N PRO B 145 5.59 2.88 -40.09
CA PRO B 145 6.99 2.46 -40.02
C PRO B 145 7.45 2.28 -38.58
N LEU B 146 8.41 1.37 -38.39
CA LEU B 146 8.88 1.08 -37.03
C LEU B 146 9.45 2.34 -36.36
N ALA B 147 10.24 3.12 -37.09
CA ALA B 147 10.83 4.33 -36.52
C ALA B 147 9.75 5.33 -36.07
N THR B 148 8.66 5.42 -36.82
CA THR B 148 7.55 6.30 -36.42
C THR B 148 6.88 5.80 -35.16
N ARG B 149 6.72 4.49 -35.01
CA ARG B 149 6.09 4.00 -33.80
C ARG B 149 6.94 4.31 -32.57
N HIS B 150 8.27 4.17 -32.69
CA HIS B 150 9.15 4.56 -31.60
C HIS B 150 8.94 6.02 -31.23
N LYS B 151 8.85 6.90 -32.24
CA LYS B 151 8.59 8.32 -32.00
C LYS B 151 7.29 8.51 -31.21
N LEU B 152 6.22 7.85 -31.64
CA LEU B 152 4.94 7.95 -30.95
C LEU B 152 5.05 7.44 -29.52
N ALA B 153 5.81 6.35 -29.32
CA ALA B 153 5.99 5.81 -27.99
C ALA B 153 6.68 6.82 -27.09
N ARG B 154 7.68 7.54 -27.63
CA ARG B 154 8.36 8.54 -26.82
C ARG B 154 7.40 9.66 -26.43
N LYS B 155 6.58 10.11 -27.37
CA LYS B 155 5.61 11.16 -27.08
C LYS B 155 4.65 10.70 -26.01
N LEU B 156 4.12 9.48 -26.15
CA LEU B 156 3.15 8.97 -25.18
C LEU B 156 3.78 8.92 -23.79
N ARG B 157 5.00 8.41 -23.70
CA ARG B 157 5.67 8.34 -22.39
C ARG B 157 5.89 9.75 -21.84
N LYS B 158 6.36 10.69 -22.68
CA LYS B 158 6.63 12.04 -22.20
C LYS B 158 5.38 12.68 -21.61
N GLU B 159 4.26 12.58 -22.34
CA GLU B 159 3.05 13.28 -21.91
C GLU B 159 2.39 12.57 -20.74
N SER B 160 2.48 11.23 -20.69
CA SER B 160 1.93 10.53 -19.54
C SER B 160 2.69 10.88 -18.28
N ARG B 161 4.02 10.92 -18.35
CA ARG B 161 4.82 11.29 -17.19
C ARG B 161 4.44 12.69 -16.70
N ALA B 162 4.29 13.63 -17.64
CA ALA B 162 3.87 14.97 -17.26
C ALA B 162 2.53 14.95 -16.55
N GLN B 163 1.58 14.13 -17.02
CA GLN B 163 0.22 14.22 -16.50
C GLN B 163 0.04 13.42 -15.22
N THR B 164 0.57 12.19 -15.16
CA THR B 164 0.44 11.41 -13.93
C THR B 164 1.03 12.15 -12.73
N ARG B 165 2.05 12.98 -12.93
CA ARG B 165 2.62 13.72 -11.81
C ARG B 165 1.58 14.59 -11.13
N MET B 166 0.55 15.03 -11.85
CA MET B 166 -0.45 15.94 -11.31
C MET B 166 -1.79 15.28 -11.07
N LYS B 167 -1.84 13.95 -10.97
CA LYS B 167 -3.09 13.23 -10.69
C LYS B 167 -3.11 12.75 -9.25
N ALA B 168 -4.30 12.77 -8.64
CA ALA B 168 -4.45 12.34 -7.26
C ALA B 168 -4.63 10.82 -7.20
N VAL B 169 -4.36 10.28 -6.01
CA VAL B 169 -4.29 8.82 -5.85
C VAL B 169 -5.67 8.20 -6.04
N ASP B 170 -6.71 8.87 -5.58
CA ASP B 170 -8.06 8.35 -5.76
C ASP B 170 -8.45 8.32 -7.22
N ILE B 171 -7.98 9.31 -7.98
CA ILE B 171 -8.32 9.42 -9.39
C ILE B 171 -7.70 8.29 -10.18
N ILE B 172 -6.48 7.85 -9.81
CA ILE B 172 -5.83 6.88 -10.66
C ILE B 172 -6.17 5.44 -10.33
N ASP B 173 -6.65 5.15 -9.12
CA ASP B 173 -7.06 3.82 -8.72
C ASP B 173 -8.49 3.53 -9.19
N VAL B 174 -8.93 2.28 -8.99
CA VAL B 174 -10.24 1.84 -9.49
C VAL B 174 -11.36 2.62 -8.82
N THR B 175 -12.39 2.86 -9.59
CA THR B 175 -13.62 3.48 -9.10
C THR B 175 -14.38 2.44 -8.29
N PRO B 176 -14.60 2.65 -7.00
CA PRO B 176 -15.18 1.58 -6.20
C PRO B 176 -16.49 1.01 -6.73
N GLU B 177 -17.39 1.86 -7.21
CA GLU B 177 -18.69 1.41 -7.68
C GLU B 177 -18.60 0.55 -8.94
N GLU B 178 -17.55 0.69 -9.74
CA GLU B 178 -17.41 -0.10 -10.95
C GLU B 178 -17.17 -1.56 -10.64
N VAL B 179 -16.57 -1.85 -9.49
CA VAL B 179 -16.21 -3.24 -9.19
C VAL B 179 -17.44 -4.13 -9.06
N PRO B 180 -18.39 -3.88 -8.16
CA PRO B 180 -19.58 -4.73 -8.18
C PRO B 180 -20.33 -4.68 -9.49
N ARG B 181 -20.30 -3.55 -10.19
CA ARG B 181 -21.03 -3.46 -11.46
C ARG B 181 -20.49 -4.46 -12.47
N VAL B 182 -19.17 -4.51 -12.65
CA VAL B 182 -18.59 -5.41 -13.65
C VAL B 182 -18.63 -6.85 -13.17
N MET B 183 -18.50 -7.08 -11.87
CA MET B 183 -18.57 -8.46 -11.35
C MET B 183 -19.98 -9.02 -11.47
N ARG B 184 -20.99 -8.22 -11.13
CA ARG B 184 -22.37 -8.66 -11.35
C ARG B 184 -22.63 -8.90 -12.82
N GLY B 185 -22.16 -7.99 -13.67
CA GLY B 185 -22.53 -8.09 -15.08
C GLY B 185 -21.93 -9.32 -15.74
N HIS B 186 -20.71 -9.67 -15.35
CA HIS B 186 -20.10 -10.88 -15.89
C HIS B 186 -20.49 -12.14 -15.12
N GLY B 187 -21.21 -11.99 -14.01
CA GLY B 187 -21.73 -13.12 -13.27
C GLY B 187 -20.69 -13.88 -12.51
N VAL B 188 -19.83 -13.16 -11.78
CA VAL B 188 -18.71 -13.75 -11.06
C VAL B 188 -18.69 -13.23 -9.62
N ARG B 189 -18.03 -14.00 -8.76
CA ARG B 189 -17.72 -13.57 -7.42
C ARG B 189 -16.23 -13.39 -7.20
N THR B 190 -15.41 -13.61 -8.24
CA THR B 190 -13.97 -13.39 -8.16
C THR B 190 -13.54 -12.60 -9.39
N LEU B 191 -12.83 -11.52 -9.16
CA LEU B 191 -12.19 -10.70 -10.17
C LEU B 191 -10.70 -10.59 -9.82
N ILE B 192 -9.85 -10.74 -10.83
CA ILE B 192 -8.40 -10.61 -10.71
C ILE B 192 -7.95 -9.58 -11.72
N HIS B 193 -7.20 -8.58 -11.28
CA HIS B 193 -6.66 -7.58 -12.19
C HIS B 193 -5.35 -7.06 -11.62
N GLY B 194 -4.67 -6.27 -12.44
CA GLY B 194 -3.45 -5.59 -12.04
C GLY B 194 -3.57 -4.11 -12.29
N HIS B 195 -2.57 -3.54 -12.94
CA HIS B 195 -2.47 -2.14 -13.34
C HIS B 195 -2.19 -1.14 -12.22
N THR B 196 -2.90 -1.24 -11.11
CA THR B 196 -2.89 -0.18 -10.10
C THR B 196 -1.71 -0.23 -9.14
N HIS B 197 -0.94 -1.30 -9.14
CA HIS B 197 0.29 -1.39 -8.36
C HIS B 197 0.00 -1.42 -6.88
N ARG B 198 -1.19 -1.89 -6.49
CA ARG B 198 -1.62 -1.94 -5.09
C ARG B 198 -2.07 -3.36 -4.78
N PRO B 199 -1.13 -4.29 -4.69
CA PRO B 199 -1.50 -5.67 -4.41
C PRO B 199 -2.32 -5.78 -3.12
N ALA B 200 -3.44 -6.51 -3.20
CA ALA B 200 -4.38 -6.57 -2.12
C ALA B 200 -5.48 -7.57 -2.47
N GLU B 201 -6.22 -8.01 -1.44
CA GLU B 201 -7.46 -8.73 -1.67
C GLU B 201 -8.60 -7.92 -1.06
N HIS B 202 -9.56 -7.55 -1.91
CA HIS B 202 -10.66 -6.68 -1.54
C HIS B 202 -11.92 -7.51 -1.35
N PRO B 203 -12.42 -7.68 -0.11
CA PRO B 203 -13.68 -8.41 0.08
C PRO B 203 -14.88 -7.59 -0.34
N LEU B 204 -15.86 -8.26 -0.91
CA LEU B 204 -17.18 -7.70 -1.11
C LEU B 204 -18.22 -8.73 -0.73
N ASP B 205 -19.44 -8.24 -0.57
CA ASP B 205 -20.63 -9.09 -0.55
C ASP B 205 -21.46 -8.71 -1.75
N ILE B 206 -21.81 -9.68 -2.58
CA ILE B 206 -22.70 -9.47 -3.71
C ILE B 206 -23.89 -10.39 -3.50
N ASP B 207 -25.06 -9.81 -3.20
CA ASP B 207 -26.30 -10.56 -2.98
C ASP B 207 -26.19 -11.59 -1.87
N GLY B 208 -25.50 -11.24 -0.78
CA GLY B 208 -25.41 -12.11 0.37
C GLY B 208 -24.33 -13.17 0.29
N GLN B 209 -23.62 -13.23 -0.81
CA GLN B 209 -22.52 -14.17 -0.96
C GLN B 209 -21.18 -13.45 -0.93
N PRO B 210 -20.16 -14.07 -0.34
CA PRO B 210 -18.85 -13.43 -0.34
C PRO B 210 -18.31 -13.34 -1.77
N ALA B 211 -17.61 -12.25 -2.04
CA ALA B 211 -16.91 -12.10 -3.31
C ALA B 211 -15.60 -11.41 -3.02
N ARG B 212 -14.71 -11.41 -4.01
CA ARG B 212 -13.42 -10.75 -3.82
C ARG B 212 -12.86 -10.27 -5.15
N ARG B 213 -12.12 -9.16 -5.04
CA ARG B 213 -11.32 -8.60 -6.10
C ARG B 213 -9.86 -8.67 -5.67
N ILE B 214 -9.07 -9.45 -6.39
CA ILE B 214 -7.65 -9.65 -6.06
C ILE B 214 -6.83 -8.82 -7.04
N VAL B 215 -5.95 -7.98 -6.50
CA VAL B 215 -5.12 -7.10 -7.30
C VAL B 215 -3.69 -7.61 -7.22
N LEU B 216 -3.12 -7.86 -8.39
CA LEU B 216 -1.76 -8.38 -8.52
C LEU B 216 -0.73 -7.28 -8.33
N GLY B 217 0.40 -7.66 -7.76
CA GLY B 217 1.47 -6.70 -7.49
C GLY B 217 2.40 -6.50 -8.68
N ASP B 218 2.89 -5.27 -8.81
CA ASP B 218 3.89 -4.98 -9.82
C ASP B 218 5.27 -5.37 -9.29
N TRP B 219 6.20 -5.63 -10.22
CA TRP B 219 7.49 -6.22 -9.90
C TRP B 219 8.62 -5.17 -9.76
N ASP B 220 8.29 -3.90 -9.56
CA ASP B 220 9.36 -2.90 -9.55
C ASP B 220 10.34 -3.11 -8.40
N ARG B 221 9.86 -3.58 -7.26
CA ARG B 221 10.65 -3.73 -6.06
C ARG B 221 10.76 -5.14 -5.54
N GLN B 222 9.72 -5.94 -5.72
CA GLN B 222 9.76 -7.36 -5.42
C GLN B 222 8.84 -8.05 -6.42
N GLY B 223 9.07 -9.32 -6.63
CA GLY B 223 8.17 -10.10 -7.46
C GLY B 223 6.90 -10.46 -6.72
N TRP B 224 5.88 -10.81 -7.48
CA TRP B 224 4.56 -11.12 -6.95
C TRP B 224 3.98 -12.27 -7.75
N ALA B 225 3.24 -13.14 -7.08
CA ALA B 225 2.45 -14.14 -7.79
C ALA B 225 1.25 -14.53 -6.95
N LEU B 226 0.12 -14.60 -7.61
CA LEU B 226 -1.11 -15.22 -7.08
C LEU B 226 -1.19 -16.65 -7.58
N GLU B 227 -1.37 -17.60 -6.65
CA GLU B 227 -1.50 -19.00 -7.02
C GLU B 227 -2.83 -19.54 -6.52
N ILE B 228 -3.57 -20.22 -7.40
CA ILE B 228 -4.91 -20.73 -7.08
C ILE B 228 -4.95 -22.23 -7.42
N ASP B 229 -5.58 -23.01 -6.54
CA ASP B 229 -5.81 -24.41 -6.85
C ASP B 229 -7.19 -24.77 -6.33
N ALA B 230 -7.63 -26.01 -6.57
CA ALA B 230 -9.01 -26.37 -6.23
C ALA B 230 -9.33 -26.11 -4.77
N ASN B 231 -8.32 -26.02 -3.89
CA ASN B 231 -8.57 -25.81 -2.48
C ASN B 231 -8.79 -24.33 -2.13
N GLY B 232 -7.84 -23.47 -2.49
CA GLY B 232 -7.94 -22.05 -2.19
C GLY B 232 -6.91 -21.27 -2.99
N HIS B 233 -6.41 -20.14 -2.46
CA HIS B 233 -5.54 -19.25 -3.21
C HIS B 233 -4.59 -18.51 -2.27
N ARG B 234 -3.46 -18.07 -2.83
CA ARG B 234 -2.50 -17.26 -2.07
C ARG B 234 -1.71 -16.34 -3.00
N GLN B 235 -1.67 -15.05 -2.66
CA GLN B 235 -0.74 -14.11 -3.30
C GLN B 235 0.30 -13.67 -2.29
N ALA B 236 1.56 -13.77 -2.69
CA ALA B 236 2.66 -13.40 -1.80
C ALA B 236 3.78 -12.84 -2.63
N PRO B 237 4.56 -11.92 -2.08
CA PRO B 237 5.73 -11.41 -2.79
C PRO B 237 6.93 -12.31 -2.55
N PHE B 238 7.95 -12.08 -3.35
CA PHE B 238 9.21 -12.76 -3.15
C PHE B 238 10.31 -11.82 -3.60
N PRO B 239 11.51 -11.97 -3.07
CA PRO B 239 12.56 -11.04 -3.48
C PRO B 239 12.96 -11.28 -4.93
N LEU B 240 13.32 -10.19 -5.59
CA LEU B 240 13.79 -10.30 -6.96
C LEU B 240 15.06 -11.14 -7.01
N LEU B 241 15.82 -11.20 -5.92
CA LEU B 241 17.01 -12.04 -5.83
C LEU B 241 16.90 -12.88 -4.56
N GLU B 242 17.02 -14.20 -4.71
CA GLU B 242 16.88 -15.07 -3.55
C GLU B 242 17.96 -14.75 -2.51
N HIS B 243 17.59 -14.90 -1.24
CA HIS B 243 18.48 -14.55 -0.13
C HIS B 243 19.72 -15.42 -0.01
#